data_4ZZ8
#
_entry.id   4ZZ8
#
_cell.length_a   38.372
_cell.length_b   65.548
_cell.length_c   117.490
_cell.angle_alpha   90.00
_cell.angle_beta   90.00
_cell.angle_gamma   90.00
#
_symmetry.space_group_name_H-M   'P 21 21 21'
#
loop_
_entity.id
_entity.type
_entity.pdbx_description
1 polymer Glucanase/chitosanase
2 branched 2-amino-2-deoxy-beta-D-glucopyranose-(1-4)-2-amino-2-deoxy-beta-D-glucopyranose-(1-4)-2-amino-2-deoxy-beta-D-glucopyranose
3 non-polymer 'SULFATE ION'
4 non-polymer 1,2-ETHANEDIOL
5 water water
#
_entity_poly.entity_id   1
_entity_poly.type   'polypeptide(L)'
_entity_poly.pdbx_seq_one_letter_code
;MHHHHHHNLALNKATATSSIETAGHEGDKAVDGNAATRWASAYGASPQWIYINLGSTQSISRVKLNWEDAYATAYSIQVS
NDSGSTPTNWTTVYSTTTGDGAIDDITFAATNAKFVRVYATTRATAYGYSLWEFEVYG
;
_entity_poly.pdbx_strand_id   A,B
#
loop_
_chem_comp.id
_chem_comp.type
_chem_comp.name
_chem_comp.formula
EDO non-polymer 1,2-ETHANEDIOL 'C2 H6 O2'
GCS D-saccharide, beta linking 2-amino-2-deoxy-beta-D-glucopyranose 'C6 H13 N O5'
SO4 non-polymer 'SULFATE ION' 'O4 S -2'
#
# COMPACT_ATOMS: atom_id res chain seq x y z
N HIS A 7 9.37 3.29 21.39
CA HIS A 7 9.58 3.63 19.96
CA HIS A 7 9.65 3.58 19.97
C HIS A 7 8.61 2.88 19.05
N ASN A 8 7.73 3.67 18.46
CA ASN A 8 6.66 3.13 17.59
C ASN A 8 7.23 2.78 16.23
N LEU A 9 7.43 1.46 16.02
CA LEU A 9 8.00 0.97 14.79
C LEU A 9 7.08 1.15 13.57
N ALA A 10 5.81 1.44 13.78
CA ALA A 10 4.89 1.65 12.68
C ALA A 10 4.93 3.03 12.09
N LEU A 11 5.54 3.96 12.82
CA LEU A 11 5.36 5.39 12.47
C LEU A 11 5.83 5.67 11.10
N ASN A 12 4.90 6.17 10.29
CA ASN A 12 5.10 6.49 8.88
C ASN A 12 5.66 5.39 7.99
N LYS A 13 5.38 4.13 8.29
CA LYS A 13 5.64 3.05 7.41
C LYS A 13 4.58 2.90 6.34
N ALA A 14 4.90 2.21 5.25
CA ALA A 14 3.95 1.89 4.25
C ALA A 14 2.86 0.95 4.81
N THR A 15 1.64 1.21 4.35
CA THR A 15 0.48 0.41 4.72
C THR A 15 -0.30 -0.05 3.51
N ALA A 16 -1.17 -1.02 3.68
CA ALA A 16 -2.22 -1.39 2.77
C ALA A 16 -3.44 -1.73 3.52
N THR A 17 -4.60 -1.54 2.87
CA THR A 17 -5.90 -1.81 3.51
C THR A 17 -6.80 -2.62 2.62
N SER A 18 -7.75 -3.32 3.21
CA SER A 18 -8.79 -3.97 2.47
C SER A 18 -9.68 -2.96 1.71
N SER A 19 -9.98 -1.81 2.33
CA SER A 19 -10.84 -0.84 1.71
C SER A 19 -10.64 0.47 2.49
N ILE A 20 -11.21 1.53 1.95
CA ILE A 20 -11.24 2.82 2.62
C ILE A 20 -12.61 3.45 2.46
N GLU A 21 -13.03 4.20 3.44
CA GLU A 21 -14.37 4.79 3.40
C GLU A 21 -14.41 5.90 2.34
N THR A 22 -13.42 6.78 2.40
CA THR A 22 -13.33 7.94 1.51
CA THR A 22 -13.30 7.89 1.49
C THR A 22 -11.89 8.36 1.43
N ALA A 23 -11.57 9.22 0.44
CA ALA A 23 -10.27 9.90 0.45
C ALA A 23 -10.08 10.64 1.78
N GLY A 24 -8.85 10.57 2.32
CA GLY A 24 -8.52 11.06 3.62
C GLY A 24 -8.58 10.08 4.78
N HIS A 25 -9.15 8.89 4.51
CA HIS A 25 -9.27 7.84 5.48
C HIS A 25 -8.41 6.62 5.07
N GLU A 26 -7.34 6.89 4.31
CA GLU A 26 -6.38 5.85 3.94
C GLU A 26 -5.61 5.23 5.12
N GLY A 27 -5.00 4.10 4.84
CA GLY A 27 -4.24 3.41 5.85
C GLY A 27 -3.10 4.22 6.45
N ASP A 28 -2.52 5.10 5.64
CA ASP A 28 -1.45 5.93 6.17
C ASP A 28 -1.87 6.80 7.38
N LYS A 29 -3.17 7.06 7.47
CA LYS A 29 -3.71 7.83 8.57
C LYS A 29 -3.68 7.13 9.89
N ALA A 30 -3.52 5.80 9.90
CA ALA A 30 -3.42 5.08 11.17
C ALA A 30 -1.96 5.04 11.72
N VAL A 31 -0.98 5.51 10.93
CA VAL A 31 0.42 5.35 11.31
C VAL A 31 1.13 6.69 11.20
N ASP A 32 0.36 7.77 11.46
CA ASP A 32 0.97 9.10 11.33
C ASP A 32 1.28 9.74 12.68
N GLY A 33 1.02 9.05 13.75
CA GLY A 33 1.21 9.57 15.11
C GLY A 33 0.23 10.66 15.52
N ASN A 34 -0.86 10.86 14.74
CA ASN A 34 -1.84 11.92 14.95
C ASN A 34 -3.10 11.28 15.44
N ALA A 35 -3.52 11.56 16.65
CA ALA A 35 -4.80 11.05 17.19
C ALA A 35 -6.07 11.58 16.56
N ALA A 36 -5.95 12.53 15.67
CA ALA A 36 -7.10 13.18 15.05
C ALA A 36 -7.26 12.82 13.58
N THR A 37 -6.43 11.88 13.11
CA THR A 37 -6.59 11.33 11.78
C THR A 37 -6.72 9.80 11.87
N ARG A 38 -7.50 9.19 10.97
CA ARG A 38 -7.80 7.80 11.09
C ARG A 38 -7.99 7.15 9.72
N TRP A 39 -7.52 5.91 9.67
CA TRP A 39 -8.06 4.97 8.71
C TRP A 39 -9.50 4.65 9.04
N ALA A 40 -10.27 4.48 7.98
CA ALA A 40 -11.65 3.94 8.13
C ALA A 40 -11.91 3.10 6.91
N SER A 41 -12.50 1.93 7.13
CA SER A 41 -12.81 0.99 6.03
C SER A 41 -14.14 1.32 5.38
N ALA A 42 -14.46 0.61 4.29
CA ALA A 42 -15.85 0.57 3.82
C ALA A 42 -16.74 0.00 4.85
N TYR A 43 -18.02 0.44 4.78
CA TYR A 43 -19.03 -0.10 5.68
C TYR A 43 -19.40 -1.54 5.33
N GLY A 44 -19.91 -2.24 6.30
CA GLY A 44 -20.58 -3.48 6.00
C GLY A 44 -20.04 -4.66 6.82
N ALA A 45 -20.59 -5.83 6.52
CA ALA A 45 -20.35 -7.01 7.35
C ALA A 45 -19.17 -7.85 6.92
N SER A 46 -18.42 -7.45 5.91
CA SER A 46 -17.25 -8.20 5.55
CA SER A 46 -17.19 -8.09 5.46
C SER A 46 -16.11 -7.92 6.49
N PRO A 47 -15.20 -8.89 6.61
CA PRO A 47 -13.92 -8.55 7.34
C PRO A 47 -13.18 -7.38 6.67
N GLN A 48 -12.38 -6.69 7.44
CA GLN A 48 -11.55 -5.66 6.90
C GLN A 48 -10.22 -5.78 7.56
N TRP A 49 -9.23 -5.15 6.95
CA TRP A 49 -7.90 -5.22 7.48
C TRP A 49 -7.01 -4.07 7.08
N ILE A 50 -5.95 -3.90 7.88
CA ILE A 50 -4.91 -2.93 7.60
C ILE A 50 -3.61 -3.63 7.98
N TYR A 51 -2.61 -3.51 7.10
CA TYR A 51 -1.28 -4.00 7.48
C TYR A 51 -0.23 -2.95 7.22
N ILE A 52 0.82 -3.11 7.98
CA ILE A 52 1.99 -2.23 7.94
C ILE A 52 3.20 -3.07 7.48
N ASN A 53 3.94 -2.52 6.55
CA ASN A 53 5.25 -3.07 6.17
C ASN A 53 6.30 -2.40 7.00
N LEU A 54 6.86 -3.15 7.94
CA LEU A 54 7.79 -2.56 8.86
C LEU A 54 9.11 -2.25 8.18
N GLY A 55 9.36 -2.82 7.00
CA GLY A 55 10.52 -2.38 6.13
C GLY A 55 11.75 -3.25 6.29
N SER A 56 11.74 -4.07 7.34
CA SER A 56 12.85 -4.92 7.73
C SER A 56 12.25 -5.83 8.78
N THR A 57 12.91 -6.95 9.06
CA THR A 57 12.42 -7.84 10.14
C THR A 57 12.61 -7.18 11.46
N GLN A 58 11.60 -7.14 12.29
CA GLN A 58 11.72 -6.56 13.63
C GLN A 58 11.24 -7.61 14.62
N SER A 59 11.79 -7.61 15.80
CA SER A 59 11.19 -8.36 16.91
C SER A 59 10.14 -7.48 17.59
N ILE A 60 8.86 -7.89 17.54
CA ILE A 60 7.76 -7.15 18.13
C ILE A 60 7.02 -7.94 19.21
N SER A 61 6.47 -7.25 20.21
CA SER A 61 5.72 -7.92 21.26
C SER A 61 4.54 -7.18 21.71
N ARG A 62 4.24 -6.02 21.12
CA ARG A 62 3.19 -5.20 21.65
C ARG A 62 2.60 -4.39 20.50
N VAL A 63 1.27 -4.31 20.50
CA VAL A 63 0.52 -3.43 19.58
C VAL A 63 -0.41 -2.60 20.36
N LYS A 64 -0.48 -1.30 20.05
CA LYS A 64 -1.50 -0.47 20.66
C LYS A 64 -2.41 0.08 19.57
N LEU A 65 -3.71 -0.22 19.71
CA LEU A 65 -4.74 0.26 18.84
C LEU A 65 -5.48 1.39 19.52
N ASN A 66 -5.69 2.44 18.80
CA ASN A 66 -6.57 3.52 19.26
C ASN A 66 -7.75 3.53 18.30
N TRP A 67 -8.84 2.92 18.71
CA TRP A 67 -10.04 2.78 17.91
C TRP A 67 -10.86 4.07 17.92
N GLU A 68 -11.45 4.37 16.76
CA GLU A 68 -12.60 5.29 16.69
C GLU A 68 -13.88 4.56 17.08
N ASP A 69 -15.03 5.25 17.10
CA ASP A 69 -16.25 4.64 17.60
CA ASP A 69 -16.30 4.65 17.56
C ASP A 69 -16.60 3.36 16.84
N ALA A 70 -16.22 3.29 15.54
CA ALA A 70 -16.48 2.09 14.74
C ALA A 70 -15.36 1.12 15.08
N TYR A 71 -15.42 0.48 16.22
CA TYR A 71 -14.36 -0.44 16.65
C TYR A 71 -14.75 -1.90 16.35
N ALA A 72 -13.76 -2.78 16.48
CA ALA A 72 -14.00 -4.23 16.30
C ALA A 72 -14.13 -4.86 17.68
N THR A 73 -15.21 -5.58 17.89
CA THR A 73 -15.31 -6.49 19.04
C THR A 73 -14.53 -7.79 18.84
N ALA A 74 -14.36 -8.20 17.58
CA ALA A 74 -13.56 -9.40 17.27
C ALA A 74 -12.55 -9.01 16.19
N TYR A 75 -11.30 -9.34 16.48
CA TYR A 75 -10.20 -9.10 15.55
C TYR A 75 -9.00 -9.93 15.97
N SER A 76 -8.09 -10.09 15.01
CA SER A 76 -6.79 -10.64 15.30
C SER A 76 -5.65 -9.71 14.88
N ILE A 77 -4.55 -9.89 15.56
CA ILE A 77 -3.26 -9.29 15.20
C ILE A 77 -2.45 -10.39 14.59
N GLN A 78 -1.91 -10.16 13.42
CA GLN A 78 -1.23 -11.17 12.66
C GLN A 78 0.12 -10.63 12.18
N VAL A 79 1.06 -11.56 11.99
CA VAL A 79 2.35 -11.16 11.41
C VAL A 79 2.65 -11.93 10.16
N SER A 80 3.47 -11.36 9.29
CA SER A 80 3.99 -12.07 8.17
C SER A 80 5.50 -11.86 8.11
N ASN A 81 6.18 -12.94 7.69
CA ASN A 81 7.62 -12.83 7.47
C ASN A 81 7.96 -13.12 6.04
N ASP A 82 7.02 -12.89 5.12
CA ASP A 82 7.28 -13.04 3.69
C ASP A 82 8.30 -12.06 3.18
N SER A 83 9.04 -12.43 2.13
CA SER A 83 9.90 -11.44 1.48
C SER A 83 9.12 -10.56 0.51
N GLY A 84 9.77 -9.50 0.02
CA GLY A 84 9.08 -8.57 -0.88
C GLY A 84 8.23 -7.54 -0.15
N SER A 85 7.32 -6.93 -0.89
CA SER A 85 6.38 -5.89 -0.36
C SER A 85 4.95 -6.29 -0.41
N THR A 86 4.67 -7.56 -0.75
CA THR A 86 3.29 -7.98 -0.85
C THR A 86 3.02 -9.25 -0.08
N PRO A 87 2.77 -9.13 1.22
CA PRO A 87 2.66 -10.32 2.03
C PRO A 87 1.44 -11.17 1.65
N THR A 88 1.57 -12.47 1.76
CA THR A 88 0.40 -13.36 1.53
C THR A 88 0.17 -14.42 2.61
N ASN A 89 1.18 -14.73 3.43
CA ASN A 89 1.01 -15.68 4.53
C ASN A 89 0.93 -14.96 5.87
N TRP A 90 -0.15 -15.13 6.58
CA TRP A 90 -0.35 -14.47 7.88
C TRP A 90 -0.36 -15.49 9.01
N THR A 91 0.15 -15.11 10.17
CA THR A 91 0.11 -15.87 11.39
C THR A 91 -0.47 -15.09 12.50
N THR A 92 -1.57 -15.53 13.08
CA THR A 92 -2.18 -14.88 14.20
C THR A 92 -1.32 -14.98 15.43
N VAL A 93 -1.02 -13.86 16.03
CA VAL A 93 -0.32 -13.82 17.30
C VAL A 93 -1.19 -13.46 18.50
N TYR A 94 -2.40 -12.92 18.25
CA TYR A 94 -3.34 -12.55 19.28
C TYR A 94 -4.69 -12.43 18.61
N SER A 95 -5.75 -12.86 19.29
CA SER A 95 -7.09 -12.53 18.85
C SER A 95 -8.01 -12.37 20.06
N THR A 96 -9.10 -11.69 19.83
CA THR A 96 -10.13 -11.45 20.88
C THR A 96 -11.49 -11.53 20.24
N THR A 97 -12.53 -11.82 21.06
CA THR A 97 -13.93 -11.68 20.67
C THR A 97 -14.66 -10.69 21.62
N THR A 98 -13.92 -10.06 22.49
CA THR A 98 -14.46 -9.20 23.54
C THR A 98 -13.83 -7.85 23.54
N GLY A 99 -13.43 -7.39 22.37
CA GLY A 99 -12.89 -6.04 22.29
C GLY A 99 -13.93 -5.02 22.78
N ASP A 100 -13.45 -4.02 23.49
CA ASP A 100 -14.27 -2.90 23.96
C ASP A 100 -13.90 -1.52 23.44
N GLY A 101 -13.10 -1.44 22.37
CA GLY A 101 -12.89 -0.17 21.73
C GLY A 101 -11.90 0.73 22.46
N ALA A 102 -11.89 1.99 22.09
CA ALA A 102 -11.01 2.95 22.60
C ALA A 102 -9.58 2.46 22.47
N ILE A 103 -8.77 2.53 23.53
CA ILE A 103 -7.43 1.96 23.46
C ILE A 103 -7.41 0.48 23.77
N ASP A 104 -6.78 -0.28 22.86
CA ASP A 104 -6.48 -1.67 23.11
C ASP A 104 -4.95 -1.82 23.16
N ASP A 105 -4.42 -2.23 24.32
CA ASP A 105 -2.96 -2.39 24.46
C ASP A 105 -2.75 -3.85 24.55
N ILE A 106 -2.16 -4.41 23.49
CA ILE A 106 -2.06 -5.83 23.35
CA ILE A 106 -2.06 -5.82 23.33
C ILE A 106 -0.61 -6.29 23.45
N THR A 107 -0.35 -7.33 24.28
CA THR A 107 0.98 -7.97 24.25
C THR A 107 0.92 -9.43 23.92
N PHE A 108 2.01 -9.93 23.34
CA PHE A 108 2.09 -11.25 22.84
C PHE A 108 3.55 -11.67 22.85
N ALA A 109 3.76 -12.95 22.64
CA ALA A 109 5.09 -13.47 22.64
C ALA A 109 5.95 -12.78 21.65
N ALA A 110 7.16 -12.28 22.05
CA ALA A 110 7.96 -11.59 21.06
C ALA A 110 8.23 -12.43 19.82
N THR A 111 8.16 -11.84 18.64
CA THR A 111 8.30 -12.57 17.42
C THR A 111 8.94 -11.67 16.35
N ASN A 112 9.72 -12.28 15.47
CA ASN A 112 10.11 -11.62 14.26
C ASN A 112 8.84 -11.33 13.43
N ALA A 113 8.86 -10.19 12.73
CA ALA A 113 7.72 -9.81 11.83
C ALA A 113 8.29 -8.80 10.83
N LYS A 114 7.97 -8.98 9.53
CA LYS A 114 8.21 -7.91 8.57
CA LYS A 114 8.23 -7.94 8.54
C LYS A 114 6.94 -7.11 8.33
N PHE A 115 5.78 -7.75 8.50
CA PHE A 115 4.45 -7.04 8.33
C PHE A 115 3.61 -7.37 9.56
N VAL A 116 2.70 -6.46 9.92
CA VAL A 116 1.78 -6.67 11.05
C VAL A 116 0.42 -6.23 10.50
N ARG A 117 -0.60 -7.08 10.74
CA ARG A 117 -1.97 -6.82 10.21
C ARG A 117 -2.95 -6.85 11.35
N VAL A 118 -3.90 -5.91 11.36
CA VAL A 118 -5.13 -6.04 12.13
C VAL A 118 -6.15 -6.59 11.18
N TYR A 119 -6.72 -7.74 11.50
CA TYR A 119 -7.77 -8.39 10.71
C TYR A 119 -9.05 -8.40 11.51
N ALA A 120 -9.97 -7.54 11.15
CA ALA A 120 -11.13 -7.23 11.96
C ALA A 120 -12.33 -7.99 11.35
N THR A 121 -13.05 -8.69 12.23
CA THR A 121 -14.09 -9.60 11.82
C THR A 121 -15.49 -9.41 12.39
N THR A 122 -15.64 -8.80 13.57
CA THR A 122 -16.95 -8.41 14.06
C THR A 122 -16.90 -6.96 14.46
N ARG A 123 -17.86 -6.16 13.94
CA ARG A 123 -18.05 -4.75 14.27
C ARG A 123 -18.85 -4.54 15.55
N ALA A 124 -18.50 -3.50 16.30
CA ALA A 124 -19.30 -2.94 17.41
C ALA A 124 -20.49 -2.14 16.84
N THR A 125 -20.44 -1.69 15.59
CA THR A 125 -21.41 -0.76 15.02
C THR A 125 -21.85 -1.28 13.71
N ALA A 126 -22.82 -0.65 13.07
CA ALA A 126 -23.20 -1.03 11.79
C ALA A 126 -22.47 -0.24 10.64
N TYR A 127 -21.29 0.33 10.95
CA TYR A 127 -20.53 1.12 9.96
C TYR A 127 -19.47 0.20 9.42
N GLY A 128 -18.20 0.58 9.54
CA GLY A 128 -17.12 -0.31 9.18
C GLY A 128 -16.21 -0.44 10.38
N TYR A 129 -14.86 -0.31 10.15
CA TYR A 129 -13.90 -0.32 11.23
C TYR A 129 -13.01 0.88 11.05
N SER A 130 -12.53 1.47 12.12
CA SER A 130 -11.70 2.69 12.00
C SER A 130 -10.73 2.85 13.16
N LEU A 131 -9.46 3.10 12.82
CA LEU A 131 -8.35 3.28 13.76
C LEU A 131 -7.76 4.66 13.62
N TRP A 132 -7.70 5.42 14.70
CA TRP A 132 -6.94 6.64 14.73
C TRP A 132 -5.46 6.35 14.66
N GLU A 133 -5.03 5.34 15.36
CA GLU A 133 -3.66 4.87 15.38
C GLU A 133 -3.54 3.37 15.55
N PHE A 134 -2.48 2.85 14.93
CA PHE A 134 -2.07 1.40 14.99
C PHE A 134 -0.53 1.47 15.20
N GLU A 135 -0.14 1.25 16.44
CA GLU A 135 1.25 1.38 16.93
C GLU A 135 1.83 0.00 17.17
N VAL A 136 3.12 -0.16 16.90
CA VAL A 136 3.82 -1.43 17.08
C VAL A 136 5.11 -1.23 17.82
N TYR A 137 5.38 -2.10 18.79
CA TYR A 137 6.54 -1.94 19.71
C TYR A 137 7.30 -3.23 19.87
N GLY A 138 8.60 -3.12 20.15
N GLY A 138 8.64 -3.13 19.97
CA GLY A 138 9.34 -4.24 20.68
CA GLY A 138 9.46 -4.28 20.27
C GLY A 138 8.86 -4.69 22.07
C GLY A 138 8.89 -4.98 21.50
N ASN B 8 -5.42 12.40 -19.60
CA ASN B 8 -4.53 11.53 -18.76
C ASN B 8 -5.36 11.10 -17.61
N LEU B 9 -5.81 9.85 -17.66
CA LEU B 9 -6.67 9.26 -16.65
C LEU B 9 -6.02 9.04 -15.27
N ALA B 10 -4.68 9.14 -15.21
CA ALA B 10 -3.92 8.99 -13.98
C ALA B 10 -3.76 10.25 -13.19
N LEU B 11 -4.04 11.40 -13.81
CA LEU B 11 -3.68 12.69 -13.19
C LEU B 11 -4.39 12.88 -11.81
N ASN B 12 -3.57 13.03 -10.77
CA ASN B 12 -4.02 13.35 -9.42
C ASN B 12 -4.82 12.19 -8.83
N LYS B 13 -4.63 10.97 -9.36
CA LYS B 13 -5.22 9.77 -8.76
C LYS B 13 -4.41 9.21 -7.64
N ALA B 14 -5.04 8.39 -6.81
CA ALA B 14 -4.38 7.79 -5.73
C ALA B 14 -3.36 6.72 -6.20
N THR B 15 -2.21 6.70 -5.54
CA THR B 15 -1.15 5.76 -5.80
C THR B 15 -0.69 4.97 -4.60
N ALA B 16 0.01 3.88 -4.86
CA ALA B 16 0.68 3.13 -3.84
C ALA B 16 1.97 2.61 -4.39
N THR B 17 2.98 2.49 -3.53
CA THR B 17 4.30 2.11 -3.95
C THR B 17 4.85 1.06 -3.05
N SER B 18 5.77 0.29 -3.59
CA SER B 18 6.50 -0.69 -2.80
C SER B 18 7.37 -0.01 -1.75
N SER B 19 8.04 1.06 -2.15
CA SER B 19 8.92 1.83 -1.31
C SER B 19 9.07 3.25 -1.93
N ILE B 20 9.52 4.14 -1.07
CA ILE B 20 9.92 5.49 -1.47
C ILE B 20 11.31 5.77 -0.97
N GLU B 21 12.07 6.54 -1.73
CA GLU B 21 13.42 6.78 -1.39
C GLU B 21 13.53 7.76 -0.22
N THR B 22 12.78 8.85 -0.31
CA THR B 22 12.87 10.01 0.60
CA THR B 22 12.89 9.95 0.61
C THR B 22 11.65 10.83 0.40
N ALA B 23 11.35 11.70 1.37
CA ALA B 23 10.24 12.60 1.22
C ALA B 23 10.51 13.49 -0.01
N GLY B 24 9.42 13.81 -0.68
CA GLY B 24 9.43 14.57 -1.94
C GLY B 24 9.44 13.64 -3.18
N HIS B 25 9.68 12.36 -2.93
CA HIS B 25 9.72 11.34 -4.03
C HIS B 25 8.64 10.30 -3.86
N GLU B 26 7.48 10.65 -3.32
CA GLU B 26 6.40 9.70 -3.10
C GLU B 26 5.73 9.33 -4.43
N GLY B 27 4.93 8.28 -4.39
CA GLY B 27 4.14 7.90 -5.54
C GLY B 27 3.30 8.97 -6.18
N ASP B 28 2.66 9.87 -5.41
CA ASP B 28 1.86 10.93 -5.99
C ASP B 28 2.64 11.84 -6.95
N LYS B 29 3.96 11.86 -6.82
CA LYS B 29 4.79 12.71 -7.69
C LYS B 29 4.84 12.08 -9.06
N ALA B 30 4.44 10.85 -9.30
CA ALA B 30 4.45 10.30 -10.68
C ALA B 30 3.15 10.61 -11.40
N VAL B 31 2.14 11.20 -10.71
CA VAL B 31 0.85 11.47 -11.36
C VAL B 31 0.38 12.90 -11.13
N ASP B 32 1.32 13.79 -10.89
CA ASP B 32 0.94 15.20 -10.66
C ASP B 32 0.96 16.06 -11.93
N GLY B 33 1.33 15.47 -13.08
CA GLY B 33 1.37 16.21 -14.33
C GLY B 33 2.57 17.15 -14.43
N ASN B 34 3.53 16.98 -13.53
CA ASN B 34 4.68 17.85 -13.45
C ASN B 34 5.90 17.05 -13.80
N ALA B 35 6.54 17.34 -14.91
CA ALA B 35 7.69 16.52 -15.29
C ALA B 35 9.00 16.81 -14.56
N ALA B 36 8.97 17.73 -13.61
CA ALA B 36 10.08 18.01 -12.76
C ALA B 36 9.94 17.45 -11.33
N THR B 37 8.94 16.58 -11.13
CA THR B 37 8.86 15.87 -9.83
C THR B 37 8.69 14.40 -10.11
N ARG B 38 9.20 13.58 -9.20
CA ARG B 38 9.25 12.14 -9.49
C ARG B 38 9.04 11.28 -8.28
N TRP B 39 8.44 10.12 -8.52
CA TRP B 39 8.50 9.03 -7.55
C TRP B 39 9.89 8.43 -7.70
N ALA B 40 10.50 8.06 -6.58
CA ALA B 40 11.74 7.24 -6.58
C ALA B 40 11.61 6.15 -5.51
N SER B 41 11.91 4.89 -5.92
CA SER B 41 11.90 3.78 -4.93
C SER B 41 13.19 3.87 -4.09
N ALA B 42 13.21 3.07 -3.02
CA ALA B 42 14.42 2.76 -2.35
C ALA B 42 15.44 2.13 -3.29
N TYR B 43 16.71 2.48 -3.01
CA TYR B 43 17.86 2.01 -3.77
C TYR B 43 18.15 0.56 -3.49
N GLY B 44 18.64 -0.15 -4.51
CA GLY B 44 19.37 -1.40 -4.33
C GLY B 44 18.63 -2.69 -4.32
N ALA B 45 17.33 -2.68 -4.54
CA ALA B 45 16.54 -3.89 -4.27
C ALA B 45 15.42 -3.96 -5.28
N SER B 46 15.22 -5.13 -5.88
CA SER B 46 14.11 -5.28 -6.81
C SER B 46 13.41 -6.52 -6.40
N PRO B 47 12.18 -6.66 -6.72
CA PRO B 47 11.40 -5.70 -7.51
C PRO B 47 10.92 -4.44 -6.76
N GLN B 48 10.42 -3.49 -7.51
CA GLN B 48 9.73 -2.35 -6.95
C GLN B 48 8.52 -2.15 -7.80
N TRP B 49 7.57 -1.39 -7.34
CA TRP B 49 6.35 -1.18 -8.08
C TRP B 49 5.63 0.10 -7.63
N ILE B 50 4.81 0.61 -8.56
CA ILE B 50 3.90 1.71 -8.30
C ILE B 50 2.62 1.36 -9.00
N TYR B 51 1.49 1.51 -8.31
CA TYR B 51 0.21 1.44 -8.94
C TYR B 51 -0.63 2.66 -8.72
N ILE B 52 -1.56 2.83 -9.65
CA ILE B 52 -2.53 3.88 -9.67
C ILE B 52 -3.91 3.31 -9.57
N ASN B 53 -4.72 3.85 -8.63
CA ASN B 53 -6.18 3.59 -8.60
C ASN B 53 -6.85 4.60 -9.42
N LEU B 54 -7.33 4.21 -10.59
CA LEU B 54 -8.03 5.14 -11.52
C LEU B 54 -9.35 5.72 -10.99
N GLY B 55 -9.88 5.14 -9.94
CA GLY B 55 -11.07 5.71 -9.29
C GLY B 55 -12.36 5.08 -9.74
N SER B 56 -12.33 4.37 -10.86
CA SER B 56 -13.46 3.61 -11.35
C SER B 56 -12.95 2.78 -12.53
N THR B 57 -13.73 1.83 -13.00
CA THR B 57 -13.33 1.03 -14.18
C THR B 57 -13.24 1.90 -15.42
N GLN B 58 -12.09 1.91 -16.08
CA GLN B 58 -11.91 2.68 -17.27
C GLN B 58 -11.35 1.75 -18.34
N SER B 59 -11.67 2.08 -19.56
CA SER B 59 -11.08 1.37 -20.69
C SER B 59 -9.80 2.10 -21.07
N ILE B 60 -8.68 1.35 -21.07
CA ILE B 60 -7.38 1.93 -21.32
C ILE B 60 -6.61 1.18 -22.40
N SER B 61 -5.83 1.93 -23.12
CA SER B 61 -5.00 1.33 -24.16
C SER B 61 -3.61 1.91 -24.31
N ARG B 62 -3.19 2.89 -23.52
CA ARG B 62 -1.87 3.46 -23.64
C ARG B 62 -1.36 3.91 -22.29
N VAL B 63 -0.07 3.65 -22.06
CA VAL B 63 0.58 4.11 -20.87
C VAL B 63 1.89 4.76 -21.27
N LYS B 64 2.16 5.97 -20.74
CA LYS B 64 3.39 6.68 -21.02
C LYS B 64 4.15 6.75 -19.71
N LEU B 65 5.33 6.18 -19.75
CA LEU B 65 6.26 6.18 -18.61
C LEU B 65 7.43 7.11 -18.88
N ASN B 66 7.55 8.16 -18.10
CA ASN B 66 8.65 9.12 -18.24
C ASN B 66 9.64 8.80 -17.15
N TRP B 67 10.64 7.98 -17.50
CA TRP B 67 11.64 7.50 -16.56
C TRP B 67 12.67 8.55 -16.25
N GLU B 68 13.10 8.57 -15.01
CA GLU B 68 14.29 9.28 -14.61
C GLU B 68 15.49 8.42 -14.91
N ASP B 69 16.71 8.95 -14.68
CA ASP B 69 17.93 8.13 -14.85
C ASP B 69 17.89 6.70 -14.33
N ALA B 70 17.30 6.49 -13.16
CA ALA B 70 17.08 5.21 -12.53
C ALA B 70 15.89 4.49 -13.19
N TYR B 71 16.12 4.03 -14.40
CA TYR B 71 15.06 3.38 -15.16
C TYR B 71 15.11 1.87 -15.05
N ALA B 72 14.06 1.20 -15.53
CA ALA B 72 14.04 -0.26 -15.52
C ALA B 72 14.39 -0.76 -16.89
N THR B 73 15.34 -1.68 -16.97
CA THR B 73 15.48 -2.43 -18.24
C THR B 73 14.53 -3.58 -18.37
N ALA B 74 13.95 -4.07 -17.27
CA ALA B 74 12.90 -5.07 -17.32
C ALA B 74 11.83 -4.65 -16.36
N TYR B 75 10.62 -4.63 -16.89
CA TYR B 75 9.40 -4.30 -16.14
C TYR B 75 8.21 -4.84 -16.88
N SER B 76 7.08 -4.90 -16.19
CA SER B 76 5.79 -5.21 -16.73
C SER B 76 4.81 -4.10 -16.40
N ILE B 77 3.94 -3.79 -17.32
CA ILE B 77 2.79 -2.90 -17.09
C ILE B 77 1.61 -3.84 -16.91
N GLN B 78 0.81 -3.69 -15.85
CA GLN B 78 -0.28 -4.62 -15.57
C GLN B 78 -1.50 -3.90 -15.08
N VAL B 79 -2.66 -4.53 -15.21
CA VAL B 79 -3.90 -3.89 -14.79
C VAL B 79 -4.63 -4.82 -13.83
N SER B 80 -5.54 -4.25 -13.06
CA SER B 80 -6.37 -5.05 -12.17
C SER B 80 -7.74 -4.45 -12.16
N ASN B 81 -8.70 -5.35 -11.92
CA ASN B 81 -10.08 -4.94 -11.68
C ASN B 81 -10.60 -5.40 -10.34
N ASP B 82 -9.70 -5.63 -9.38
CA ASP B 82 -10.10 -6.03 -8.01
C ASP B 82 -10.89 -4.97 -7.33
N SER B 83 -11.72 -5.42 -6.37
CA SER B 83 -12.44 -4.47 -5.52
C SER B 83 -11.60 -4.02 -4.32
N GLY B 84 -12.05 -2.98 -3.62
CA GLY B 84 -11.32 -2.52 -2.47
C GLY B 84 -10.11 -1.70 -2.83
N SER B 85 -9.16 -1.62 -1.91
CA SER B 85 -8.02 -0.69 -2.06
C SER B 85 -6.70 -1.34 -2.25
N THR B 86 -6.63 -2.67 -2.16
CA THR B 86 -5.39 -3.32 -2.48
C THR B 86 -5.56 -4.40 -3.55
N PRO B 87 -5.06 -4.11 -4.76
CA PRO B 87 -5.22 -5.02 -5.86
C PRO B 87 -4.21 -6.10 -5.59
N THR B 88 -4.64 -7.35 -5.81
CA THR B 88 -3.72 -8.46 -5.87
C THR B 88 -3.77 -9.32 -7.13
N ASN B 89 -4.80 -9.23 -7.96
CA ASN B 89 -4.85 -10.02 -9.19
C ASN B 89 -4.54 -9.10 -10.36
N TRP B 90 -3.38 -9.32 -10.97
CA TRP B 90 -2.92 -8.47 -12.04
C TRP B 90 -2.94 -9.22 -13.37
N THR B 91 -3.13 -8.45 -14.45
CA THR B 91 -3.02 -8.91 -15.84
C THR B 91 -1.98 -8.05 -16.54
N THR B 92 -1.00 -8.71 -17.09
CA THR B 92 0.04 -8.04 -17.87
C THR B 92 -0.49 -7.59 -19.20
N VAL B 93 -0.26 -6.30 -19.49
CA VAL B 93 -0.56 -5.72 -20.79
C VAL B 93 0.68 -5.40 -21.64
N TYR B 94 1.86 -5.37 -21.02
CA TYR B 94 3.10 -5.11 -21.73
C TYR B 94 4.22 -5.55 -20.84
N SER B 95 5.30 -6.03 -21.43
CA SER B 95 6.51 -6.24 -20.67
C SER B 95 7.75 -6.14 -21.57
N THR B 96 8.90 -5.89 -20.96
CA THR B 96 10.16 -5.86 -21.64
C THR B 96 11.28 -6.31 -20.82
N THR B 97 12.35 -6.83 -21.47
CA THR B 97 13.62 -7.01 -20.77
C THR B 97 14.71 -6.24 -21.48
N THR B 98 14.33 -5.37 -22.40
CA THR B 98 15.26 -4.56 -23.14
C THR B 98 14.91 -3.08 -23.12
N GLY B 99 14.41 -2.55 -21.97
CA GLY B 99 14.04 -1.22 -21.88
C GLY B 99 15.24 -0.29 -21.92
N ASP B 100 15.02 0.87 -22.48
CA ASP B 100 16.10 1.88 -22.55
CA ASP B 100 16.03 1.93 -22.63
C ASP B 100 15.80 3.20 -21.85
N GLY B 101 14.75 3.24 -21.06
CA GLY B 101 14.55 4.42 -20.23
C GLY B 101 14.06 5.60 -21.06
N ALA B 102 14.25 6.79 -20.52
CA ALA B 102 13.61 7.98 -21.03
C ALA B 102 12.07 7.81 -21.12
N ILE B 103 11.44 8.18 -22.23
CA ILE B 103 9.98 8.07 -22.35
C ILE B 103 9.66 6.76 -23.05
N ASP B 104 8.98 5.86 -22.36
CA ASP B 104 8.45 4.64 -22.93
C ASP B 104 6.97 4.94 -23.18
N ASP B 105 6.53 4.84 -24.42
CA ASP B 105 5.16 5.18 -24.76
C ASP B 105 4.53 3.97 -25.40
N ILE B 106 3.69 3.29 -24.64
CA ILE B 106 3.24 1.97 -24.91
C ILE B 106 1.76 1.96 -25.22
N THR B 107 1.43 1.40 -26.37
CA THR B 107 0.02 1.14 -26.71
C THR B 107 -0.22 -0.35 -26.74
N PHE B 108 -1.37 -0.78 -26.25
CA PHE B 108 -1.74 -2.14 -26.10
C PHE B 108 -3.21 -2.32 -26.37
N ALA B 109 -3.61 -3.58 -26.58
CA ALA B 109 -5.02 -3.88 -26.83
C ALA B 109 -5.87 -3.37 -25.66
N ALA B 110 -6.94 -2.62 -25.95
CA ALA B 110 -7.75 -1.99 -24.90
C ALA B 110 -8.27 -2.99 -23.87
N THR B 111 -8.19 -2.65 -22.58
CA THR B 111 -8.70 -3.45 -21.54
C THR B 111 -9.34 -2.60 -20.48
N ASN B 112 -10.34 -3.13 -19.81
CA ASN B 112 -10.82 -2.44 -18.63
C ASN B 112 -9.86 -2.55 -17.48
N ALA B 113 -9.80 -1.49 -16.65
CA ALA B 113 -8.88 -1.49 -15.54
C ALA B 113 -9.43 -0.50 -14.52
N LYS B 114 -9.35 -0.89 -13.29
CA LYS B 114 -9.43 -0.01 -12.14
C LYS B 114 -8.11 0.38 -11.59
N PHE B 115 -7.10 -0.46 -11.74
CA PHE B 115 -5.75 -0.14 -11.28
C PHE B 115 -4.75 -0.45 -12.42
N VAL B 116 -3.69 0.34 -12.50
CA VAL B 116 -2.58 0.12 -13.41
C VAL B 116 -1.29 0.14 -12.63
N ARG B 117 -0.41 -0.81 -12.84
CA ARG B 117 0.83 -0.84 -12.17
C ARG B 117 2.03 -1.02 -13.09
N VAL B 118 3.15 -0.46 -12.63
CA VAL B 118 4.43 -0.80 -13.17
C VAL B 118 5.11 -1.68 -12.17
N TYR B 119 5.49 -2.91 -12.62
CA TYR B 119 6.20 -3.88 -11.80
C TYR B 119 7.62 -4.01 -12.32
N ALA B 120 8.57 -3.34 -11.65
CA ALA B 120 9.90 -3.22 -12.18
C ALA B 120 10.85 -4.25 -11.56
N THR B 121 11.57 -4.94 -12.45
CA THR B 121 12.29 -6.16 -12.05
C THR B 121 13.79 -6.22 -12.33
N THR B 122 14.28 -5.46 -13.31
CA THR B 122 15.69 -5.27 -13.50
C THR B 122 15.99 -3.79 -13.67
N ARG B 123 16.93 -3.34 -12.86
CA ARG B 123 17.40 -1.95 -12.87
C ARG B 123 18.45 -1.67 -13.93
N ALA B 124 18.41 -0.49 -14.54
CA ALA B 124 19.53 -0.01 -15.37
C ALA B 124 20.72 0.47 -14.56
N THR B 125 20.42 0.91 -13.35
CA THR B 125 21.44 1.58 -12.53
C THR B 125 21.56 0.88 -11.24
N ALA B 126 22.56 1.35 -10.49
CA ALA B 126 22.78 0.92 -9.14
C ALA B 126 21.96 1.72 -8.13
N TYR B 127 20.91 2.44 -8.58
CA TYR B 127 20.12 3.25 -7.64
C TYR B 127 18.89 2.41 -7.42
N GLY B 128 17.68 2.96 -7.61
CA GLY B 128 16.47 2.12 -7.56
C GLY B 128 15.72 2.24 -8.89
N TYR B 129 14.44 2.56 -8.82
CA TYR B 129 13.67 2.98 -9.99
C TYR B 129 12.96 4.32 -9.75
N SER B 130 12.79 5.11 -10.79
CA SER B 130 12.20 6.44 -10.65
C SER B 130 11.46 6.88 -11.86
N LEU B 131 10.27 7.44 -11.66
CA LEU B 131 9.41 7.92 -12.74
C LEU B 131 9.01 9.36 -12.48
N TRP B 132 9.39 10.24 -13.44
CA TRP B 132 8.84 11.59 -13.46
C TRP B 132 7.33 11.59 -13.60
N GLU B 133 6.79 10.78 -14.50
CA GLU B 133 5.37 10.72 -14.73
C GLU B 133 5.01 9.29 -15.23
N PHE B 134 3.82 8.86 -14.86
CA PHE B 134 3.20 7.61 -15.21
C PHE B 134 1.76 8.04 -15.67
N GLU B 135 1.55 8.07 -16.99
CA GLU B 135 0.32 8.60 -17.60
C GLU B 135 -0.48 7.44 -18.20
N VAL B 136 -1.78 7.54 -18.22
CA VAL B 136 -2.65 6.45 -18.64
C VAL B 136 -3.74 7.07 -19.54
N TYR B 137 -3.94 6.44 -20.72
CA TYR B 137 -4.87 6.95 -21.72
C TYR B 137 -5.80 5.87 -22.18
N GLY B 138 -7.04 6.22 -22.47
CA GLY B 138 -7.93 5.25 -23.10
C GLY B 138 -7.79 5.43 -24.59
C1 GCS C . -29.25 11.06 9.58
C2 GCS C . -28.65 10.23 8.47
C3 GCS C . -27.48 9.73 9.32
C4 GCS C . -26.62 10.90 9.82
C5 GCS C . -27.44 12.16 10.29
C6 GCS C . -26.56 13.43 10.25
N2 GCS C . -29.43 9.09 8.01
O1 GCS C . -30.59 11.00 9.78
O3 GCS C . -26.80 8.75 8.49
O4 GCS C . -25.85 10.34 10.90
O5 GCS C . -28.55 12.31 9.41
O6 GCS C . -26.13 13.78 8.87
C1 GCS C . -24.46 10.27 10.50
C2 GCS C . -23.79 10.07 11.81
C3 GCS C . -22.29 9.75 11.65
C4 GCS C . -22.01 8.80 10.51
C5 GCS C . -22.76 9.33 9.30
C6 GCS C . -22.43 8.65 8.00
N2 GCS C . -23.95 11.35 12.55
O3 GCS C . -21.79 9.13 12.83
O4 GCS C . -20.58 8.93 10.24
O5 GCS C . -24.16 9.23 9.60
O6 GCS C . -22.61 7.26 8.24
C1 GCS C . -19.75 7.72 10.42
C2 GCS C . -18.45 8.07 9.76
C3 GCS C . -17.49 6.89 10.02
C4 GCS C . -17.46 6.56 11.50
C5 GCS C . -18.84 6.34 12.10
C6 GCS C . -18.86 6.14 13.58
N2 GCS C . -18.58 8.31 8.35
O3 GCS C . -16.23 7.30 9.43
O4 GCS C . -16.60 5.44 11.70
O5 GCS C . -19.62 7.51 11.77
O6 GCS C . -18.42 7.27 14.27
S SO4 D . -12.71 12.75 10.68
O1 SO4 D . -13.96 12.30 11.22
O2 SO4 D . -12.18 13.90 11.38
O3 SO4 D . -11.77 11.62 10.81
O4 SO4 D . -12.84 13.06 9.29
S SO4 E . -7.17 -13.21 3.94
O1 SO4 E . -8.60 -13.49 3.67
O2 SO4 E . -6.99 -11.73 3.68
O3 SO4 E . -6.98 -13.68 5.34
O4 SO4 E . -6.37 -13.99 3.07
S SO4 F . 6.48 -7.78 -4.35
O1 SO4 F . 5.62 -6.78 -3.61
O2 SO4 F . 5.54 -8.48 -5.23
O3 SO4 F . 7.50 -8.48 -3.59
O4 SO4 F . 7.46 -7.03 -5.17
S SO4 G . -20.55 -8.15 11.60
O1 SO4 G . -21.98 -7.68 11.31
O2 SO4 G . -19.75 -7.05 12.11
O3 SO4 G . -20.60 -9.16 12.70
O4 SO4 G . -19.76 -8.81 10.47
C1 EDO H . 3.87 -1.53 0.41
O1 EDO H . 5.28 -1.53 0.79
C2 EDO H . 3.13 -2.26 1.51
O2 EDO H . 3.76 -3.60 1.72
C1 EDO I . 2.34 5.55 5.34
O1 EDO I . 2.85 6.23 4.15
C2 EDO I . 1.35 4.39 5.00
O2 EDO I . 0.97 4.07 3.60
C1 EDO J . -11.43 -8.49 3.37
O1 EDO J . -11.80 -9.87 3.16
C2 EDO J . -12.33 -7.47 2.63
O2 EDO J . -13.73 -7.80 2.67
S SO4 K . 18.49 -5.92 -10.25
O1 SO4 K . 17.75 -7.15 -9.90
O2 SO4 K . 17.73 -4.75 -9.76
O3 SO4 K . 19.87 -5.92 -9.67
O4 SO4 K . 18.66 -5.80 -11.68
#